data_2F37
#
_entry.id   2F37
#
_cell.length_a   93.657
_cell.length_b   93.657
_cell.length_c   265.855
_cell.angle_alpha   90.00
_cell.angle_beta   90.00
_cell.angle_gamma   120.00
#
_symmetry.space_group_name_H-M   'P 61 2 2'
#
loop_
_entity.id
_entity.type
_entity.pdbx_description
1 polymer 'Transient receptor potential cation channel subfamily V member 2'
2 non-polymer 'SULFATE ION'
3 water water
#
_entity_poly.entity_id   1
_entity_poly.type   'polypeptide(L)'
_entity_poly.pdbx_seq_one_letter_code
;PDPNRFDRDRLFNAVSRGVPEDLAGLPEYLSKTSKYLTDSEYTEGSTGKTCL(MSE)KAVLNLKDGVNACILPLLQIDRD
SGNPQPLVNAQCTDDYYRGHSALHIAIEKRSLQCVKLLVENGANVHARACGRFFQKGQGTCFYFGELPLSLAACTKQWDV
VSYLLENPHQPASLQATDSQGNTVLHALV(MSE)ISDNSAENIALVTS(MSE)YDGLLQAGARLCPTVQLEDIRNLQDLT
PLKLAAKEGKIEIFRHILQREFS
;
_entity_poly.pdbx_strand_id   A,B
#
loop_
_chem_comp.id
_chem_comp.type
_chem_comp.name
_chem_comp.formula
SO4 non-polymer 'SULFATE ION' 'O4 S -2'
#
# COMPACT_ATOMS: atom_id res chain seq x y z
N PRO A 3 -9.62 30.57 -9.18
CA PRO A 3 -8.96 31.11 -7.99
C PRO A 3 -8.37 29.97 -7.19
N ASN A 4 -9.00 28.81 -7.33
CA ASN A 4 -8.65 27.62 -6.57
C ASN A 4 -7.64 26.75 -7.31
N ARG A 5 -7.22 27.20 -8.49
CA ARG A 5 -6.30 26.46 -9.31
C ARG A 5 -4.97 26.32 -8.61
N PHE A 6 -4.52 25.08 -8.51
CA PHE A 6 -3.21 24.80 -7.96
C PHE A 6 -2.33 24.25 -9.04
N ASP A 7 -1.25 24.95 -9.35
CA ASP A 7 -0.16 24.33 -10.08
C ASP A 7 0.82 23.80 -9.03
N ARG A 8 1.89 23.13 -9.49
CA ARG A 8 2.82 22.50 -8.58
C ARG A 8 3.49 23.50 -7.64
N ASP A 9 3.78 24.70 -8.15
CA ASP A 9 4.43 25.73 -7.34
C ASP A 9 3.59 26.12 -6.14
N ARG A 10 2.31 26.40 -6.39
CA ARG A 10 1.36 26.78 -5.35
C ARG A 10 1.23 25.66 -4.32
N LEU A 11 1.11 24.43 -4.81
CA LEU A 11 1.01 23.26 -3.94
C LEU A 11 2.25 23.13 -3.06
N PHE A 12 3.43 23.08 -3.69
CA PHE A 12 4.69 22.89 -2.96
C PHE A 12 4.99 24.03 -2.01
N ASN A 13 4.72 25.26 -2.44
CA ASN A 13 4.90 26.41 -1.56
C ASN A 13 3.93 26.37 -0.38
N ALA A 14 2.73 25.84 -0.62
CA ALA A 14 1.66 25.75 0.38
C ALA A 14 1.83 24.61 1.40
N VAL A 15 2.82 23.74 1.19
CA VAL A 15 3.14 22.70 2.17
C VAL A 15 4.50 22.94 2.80
N SER A 16 5.30 23.82 2.21
CA SER A 16 6.64 24.12 2.71
C SER A 16 6.62 24.97 3.96
N ARG A 17 5.61 25.81 4.09
CA ARG A 17 5.52 26.72 5.22
C ARG A 17 4.71 26.15 6.36
N GLY A 18 4.05 25.03 6.13
CA GLY A 18 3.28 24.34 7.16
C GLY A 18 1.98 25.03 7.54
N VAL A 19 1.40 25.77 6.60
CA VAL A 19 0.13 26.45 6.83
C VAL A 19 -0.96 25.80 5.96
N PRO A 20 -1.80 24.94 6.58
CA PRO A 20 -2.82 24.16 5.87
C PRO A 20 -3.90 25.01 5.21
N GLU A 21 -4.09 26.25 5.67
CA GLU A 21 -5.06 27.13 5.04
C GLU A 21 -4.62 27.56 3.66
N ASP A 22 -3.33 27.45 3.39
CA ASP A 22 -2.81 27.72 2.05
C ASP A 22 -3.22 26.63 1.05
N LEU A 23 -3.74 25.51 1.55
CA LEU A 23 -4.28 24.45 0.71
C LEU A 23 -5.76 24.63 0.40
N ALA A 24 -6.36 25.73 0.88
CA ALA A 24 -7.79 25.98 0.64
C ALA A 24 -8.08 26.00 -0.86
N GLY A 25 -9.09 25.24 -1.25
CA GLY A 25 -9.49 25.16 -2.65
C GLY A 25 -8.92 23.96 -3.38
N LEU A 26 -7.88 23.36 -2.82
CA LEU A 26 -7.21 22.24 -3.48
C LEU A 26 -8.14 21.03 -3.68
N PRO A 27 -8.87 20.60 -2.63
CA PRO A 27 -9.76 19.45 -2.85
C PRO A 27 -10.75 19.71 -3.98
N GLU A 28 -11.40 20.88 -3.94
CA GLU A 28 -12.39 21.28 -4.94
C GLU A 28 -11.77 21.30 -6.34
N TYR A 29 -10.55 21.83 -6.45
CA TYR A 29 -9.87 21.89 -7.74
C TYR A 29 -9.53 20.50 -8.27
N LEU A 30 -9.00 19.64 -7.40
CA LEU A 30 -8.68 18.28 -7.80
C LEU A 30 -9.94 17.53 -8.24
N SER A 31 -11.04 17.72 -7.52
CA SER A 31 -12.31 17.09 -7.83
C SER A 31 -12.79 17.54 -9.23
N LYS A 32 -12.78 18.85 -9.44
CA LYS A 32 -13.24 19.46 -10.69
C LYS A 32 -12.48 18.94 -11.91
N THR A 33 -11.17 18.78 -11.75
CA THR A 33 -10.26 18.46 -12.84
C THR A 33 -9.86 16.98 -12.92
N SER A 34 -10.39 16.18 -12.01
CA SER A 34 -10.05 14.75 -11.92
C SER A 34 -8.54 14.51 -11.84
N LYS A 35 -7.86 15.37 -11.09
CA LYS A 35 -6.42 15.28 -10.90
C LYS A 35 -6.09 14.66 -9.54
N TYR A 36 -4.87 14.16 -9.44
CA TYR A 36 -4.37 13.52 -8.22
C TYR A 36 -3.03 14.11 -7.85
N LEU A 37 -2.73 14.10 -6.57
CA LEU A 37 -1.47 14.67 -6.08
C LEU A 37 -0.20 13.93 -6.53
N THR A 38 -0.38 12.73 -7.07
CA THR A 38 0.70 11.92 -7.58
C THR A 38 0.89 12.11 -9.10
N ASP A 39 0.01 12.90 -9.72
CA ASP A 39 0.10 13.16 -11.17
C ASP A 39 1.44 13.80 -11.50
N SER A 40 1.97 13.50 -12.69
CA SER A 40 3.27 14.03 -13.11
C SER A 40 3.37 15.55 -12.97
N GLU A 41 2.27 16.25 -13.23
CA GLU A 41 2.25 17.71 -13.11
C GLU A 41 2.50 18.19 -11.68
N TYR A 42 2.26 17.32 -10.70
CA TYR A 42 2.41 17.69 -9.29
C TYR A 42 3.68 17.14 -8.64
N THR A 43 4.50 16.46 -9.43
CA THR A 43 5.73 15.87 -8.92
C THR A 43 6.93 16.50 -9.62
N GLU A 44 8.05 16.56 -8.91
CA GLU A 44 9.32 17.03 -9.49
C GLU A 44 9.70 16.12 -10.65
N GLY A 45 9.91 16.72 -11.82
CA GLY A 45 10.20 15.95 -13.03
C GLY A 45 11.47 15.13 -12.94
N SER A 46 12.48 15.66 -12.24
CA SER A 46 13.79 15.01 -12.20
C SER A 46 13.84 13.81 -11.27
N THR A 47 13.05 13.83 -10.21
CA THR A 47 13.15 12.83 -9.13
C THR A 47 11.82 12.15 -8.80
N GLY A 48 10.71 12.76 -9.18
CA GLY A 48 9.40 12.26 -8.77
C GLY A 48 9.00 12.70 -7.37
N LYS A 49 9.74 13.65 -6.81
CA LYS A 49 9.43 14.18 -5.47
C LYS A 49 8.01 14.74 -5.42
N THR A 50 7.28 14.35 -4.37
CA THR A 50 5.89 14.77 -4.22
C THR A 50 5.72 15.85 -3.17
N CYS A 51 4.51 16.41 -3.14
CA CYS A 51 4.16 17.41 -2.14
C CYS A 51 4.23 16.84 -0.72
N LEU A 52 3.93 15.55 -0.58
CA LEU A 52 3.99 14.93 0.74
C LEU A 52 5.43 14.87 1.22
N MSE A 53 6.34 14.48 0.32
CA MSE A 53 7.76 14.44 0.66
C MSE A 53 8.25 15.84 1.04
O MSE A 53 8.96 16.00 2.02
CB MSE A 53 8.56 13.86 -0.49
CG MSE A 53 8.29 12.38 -0.68
SE MSE A 53 9.17 11.75 -2.26
CE MSE A 53 8.42 10.14 -2.39
N LYS A 54 7.80 16.85 0.29
CA LYS A 54 8.13 18.25 0.58
C LYS A 54 7.63 18.63 1.98
N ALA A 55 6.42 18.20 2.32
CA ALA A 55 5.83 18.52 3.61
C ALA A 55 6.63 17.89 4.74
N VAL A 56 7.02 16.64 4.56
CA VAL A 56 7.78 15.93 5.59
C VAL A 56 9.21 16.48 5.71
N LEU A 57 9.80 16.86 4.58
CA LEU A 57 11.12 17.51 4.55
C LEU A 57 11.09 18.86 5.27
N ASN A 58 9.90 19.45 5.39
CA ASN A 58 9.73 20.75 6.02
C ASN A 58 9.03 20.70 7.39
N LEU A 59 9.41 19.71 8.19
CA LEU A 59 8.99 19.63 9.57
C LEU A 59 9.73 20.67 10.38
N LYS A 60 8.97 21.37 11.20
CA LYS A 60 9.53 22.25 12.19
C LYS A 60 9.09 21.76 13.55
N ASP A 61 10.06 21.26 14.30
CA ASP A 61 9.81 20.85 15.66
C ASP A 61 8.96 19.61 15.56
N GLY A 62 9.19 18.87 14.49
CA GLY A 62 8.53 17.60 14.33
C GLY A 62 7.17 17.72 13.67
N VAL A 63 6.79 18.93 13.31
CA VAL A 63 5.41 19.25 12.96
C VAL A 63 5.33 19.92 11.59
N ASN A 64 4.46 19.41 10.74
CA ASN A 64 3.95 20.20 9.63
C ASN A 64 2.48 19.95 9.46
N ALA A 65 1.72 20.97 9.77
CA ALA A 65 0.26 20.85 9.81
C ALA A 65 -0.36 20.52 8.45
N CYS A 66 0.44 20.55 7.38
CA CYS A 66 -0.05 20.25 6.02
C CYS A 66 -0.05 18.77 5.70
N ILE A 67 0.67 17.97 6.49
CA ILE A 67 0.82 16.55 6.19
C ILE A 67 -0.51 15.80 6.23
N LEU A 68 -1.21 15.87 7.36
CA LEU A 68 -2.49 15.15 7.45
C LEU A 68 -3.51 15.61 6.39
N PRO A 69 -3.69 16.94 6.22
CA PRO A 69 -4.56 17.40 5.12
C PRO A 69 -4.21 16.81 3.75
N LEU A 70 -2.91 16.74 3.39
CA LEU A 70 -2.51 16.13 2.14
C LEU A 70 -2.95 14.68 2.06
N LEU A 71 -2.71 13.94 3.14
CA LEU A 71 -3.08 12.53 3.18
C LEU A 71 -4.59 12.36 3.08
N GLN A 72 -5.33 13.28 3.69
CA GLN A 72 -6.80 13.23 3.66
C GLN A 72 -7.32 13.57 2.28
N ILE A 73 -6.74 14.60 1.66
CA ILE A 73 -7.08 14.96 0.29
C ILE A 73 -6.81 13.79 -0.66
N ASP A 74 -5.67 13.13 -0.49
CA ASP A 74 -5.35 12.02 -1.36
C ASP A 74 -6.33 10.87 -1.19
N ARG A 75 -6.63 10.54 0.07
CA ARG A 75 -7.58 9.48 0.37
C ARG A 75 -8.96 9.81 -0.20
N ASP A 76 -9.42 11.04 0.04
CA ASP A 76 -10.74 11.44 -0.45
C ASP A 76 -10.83 11.39 -1.98
N SER A 77 -9.71 11.68 -2.64
CA SER A 77 -9.68 11.66 -4.11
C SER A 77 -9.80 10.25 -4.65
N GLY A 78 -9.55 9.24 -3.81
CA GLY A 78 -9.63 7.83 -4.18
C GLY A 78 -8.49 7.44 -5.09
N ASN A 79 -7.33 8.04 -4.86
CA ASN A 79 -6.17 7.83 -5.69
C ASN A 79 -5.81 6.34 -5.76
N PRO A 80 -5.78 5.76 -6.98
CA PRO A 80 -5.39 4.34 -7.08
C PRO A 80 -3.93 4.07 -6.73
N GLN A 81 -3.11 5.12 -6.77
CA GLN A 81 -1.71 5.04 -6.45
C GLN A 81 -1.40 5.99 -5.31
N PRO A 82 -1.63 5.53 -4.08
CA PRO A 82 -1.63 6.42 -2.93
C PRO A 82 -0.37 7.31 -2.83
N LEU A 83 -0.61 8.59 -2.60
CA LEU A 83 0.45 9.57 -2.39
C LEU A 83 1.46 9.11 -1.34
N VAL A 84 0.95 8.51 -0.27
CA VAL A 84 1.80 8.10 0.85
C VAL A 84 2.96 7.20 0.41
N ASN A 85 2.72 6.39 -0.63
CA ASN A 85 3.72 5.42 -1.07
C ASN A 85 4.53 5.80 -2.31
N ALA A 86 4.34 7.02 -2.76
CA ALA A 86 5.11 7.51 -3.91
C ALA A 86 6.58 7.39 -3.57
N GLN A 87 7.39 7.09 -4.58
CA GLN A 87 8.83 6.96 -4.36
C GLN A 87 9.55 7.75 -5.43
N CYS A 88 10.77 8.18 -5.11
CA CYS A 88 11.61 8.82 -6.12
C CYS A 88 11.93 7.84 -7.23
N THR A 89 12.02 8.38 -8.46
CA THR A 89 12.11 7.58 -9.67
C THR A 89 13.47 7.71 -10.39
N ASP A 90 14.27 8.68 -9.97
CA ASP A 90 15.58 8.93 -10.57
C ASP A 90 16.61 7.93 -10.07
N ASP A 91 17.73 7.80 -10.77
CA ASP A 91 18.73 6.79 -10.44
C ASP A 91 19.42 7.04 -9.10
N TYR A 92 19.52 8.31 -8.72
CA TYR A 92 20.25 8.69 -7.51
C TYR A 92 19.45 8.43 -6.24
N TYR A 93 18.21 8.90 -6.22
CA TYR A 93 17.37 8.80 -5.03
C TYR A 93 16.31 7.73 -5.15
N ARG A 94 16.41 6.87 -6.15
CA ARG A 94 15.40 5.89 -6.42
C ARG A 94 14.86 5.25 -5.13
N GLY A 95 13.55 5.20 -5.02
CA GLY A 95 12.90 4.47 -3.94
C GLY A 95 12.65 5.26 -2.67
N HIS A 96 13.28 6.42 -2.56
CA HIS A 96 13.11 7.27 -1.39
C HIS A 96 11.63 7.62 -1.24
N SER A 97 11.13 7.47 -0.02
CA SER A 97 9.71 7.69 0.27
C SER A 97 9.53 8.63 1.45
N ALA A 98 8.29 9.12 1.61
CA ALA A 98 7.99 10.02 2.70
C ALA A 98 8.31 9.37 4.05
N LEU A 99 8.08 8.06 4.16
CA LEU A 99 8.39 7.36 5.40
C LEU A 99 9.88 7.45 5.74
N HIS A 100 10.74 7.27 4.74
CA HIS A 100 12.20 7.37 4.96
C HIS A 100 12.54 8.76 5.48
N ILE A 101 11.93 9.77 4.87
CA ILE A 101 12.20 11.15 5.27
C ILE A 101 11.79 11.39 6.72
N ALA A 102 10.60 10.91 7.08
CA ALA A 102 10.09 11.07 8.44
C ALA A 102 11.02 10.45 9.47
N ILE A 103 11.55 9.28 9.14
CA ILE A 103 12.47 8.60 10.05
C ILE A 103 13.78 9.39 10.15
N GLU A 104 14.28 9.87 9.01
CA GLU A 104 15.52 10.65 9.03
C GLU A 104 15.36 11.94 9.85
N LYS A 105 14.18 12.54 9.77
CA LYS A 105 13.83 13.73 10.57
C LYS A 105 13.65 13.41 12.06
N ARG A 106 13.68 12.13 12.40
CA ARG A 106 13.53 11.65 13.78
C ARG A 106 12.17 12.03 14.38
N SER A 107 11.14 12.06 13.53
CA SER A 107 9.81 12.39 13.98
C SER A 107 8.95 11.13 14.09
N LEU A 108 8.91 10.56 15.28
CA LEU A 108 8.04 9.43 15.52
C LEU A 108 6.61 9.80 15.21
N GLN A 109 6.19 11.01 15.57
CA GLN A 109 4.82 11.37 15.26
C GLN A 109 4.52 11.33 13.77
N CYS A 110 5.45 11.79 12.94
CA CYS A 110 5.25 11.75 11.50
CA CYS A 110 5.28 11.75 11.49
C CYS A 110 5.29 10.32 10.98
N VAL A 111 6.18 9.51 11.54
CA VAL A 111 6.24 8.10 11.17
C VAL A 111 4.89 7.43 11.41
N LYS A 112 4.33 7.66 12.60
CA LYS A 112 3.03 7.08 12.94
C LYS A 112 1.94 7.53 11.98
N LEU A 113 1.90 8.82 11.66
CA LEU A 113 0.91 9.38 10.76
C LEU A 113 0.99 8.71 9.39
N LEU A 114 2.21 8.57 8.87
CA LEU A 114 2.41 7.96 7.57
C LEU A 114 2.03 6.47 7.58
N VAL A 115 2.46 5.76 8.61
CA VAL A 115 2.20 4.32 8.70
C VAL A 115 0.69 4.07 8.85
N GLU A 116 0.02 4.89 9.66
CA GLU A 116 -1.43 4.81 9.85
C GLU A 116 -2.16 4.99 8.53
N ASN A 117 -1.58 5.82 7.66
CA ASN A 117 -2.18 6.11 6.37
C ASN A 117 -1.66 5.23 5.24
N GLY A 118 -1.02 4.11 5.61
CA GLY A 118 -0.70 3.04 4.68
C GLY A 118 0.71 3.00 4.13
N ALA A 119 1.63 3.75 4.71
CA ALA A 119 2.97 3.81 4.15
C ALA A 119 3.77 2.53 4.33
N ASN A 120 4.64 2.18 3.38
CA ASN A 120 4.84 0.81 2.96
C ASN A 120 6.16 0.73 3.77
N VAL A 121 6.18 -0.01 4.88
CA VAL A 121 7.36 -0.04 5.75
C VAL A 121 8.50 -0.88 5.17
N HIS A 122 8.23 -1.56 4.05
CA HIS A 122 9.27 -2.32 3.37
C HIS A 122 9.76 -1.71 2.05
N ALA A 123 9.40 -0.46 1.80
CA ALA A 123 9.90 0.27 0.62
C ALA A 123 11.41 0.46 0.73
N ARG A 124 12.10 0.28 -0.39
CA ARG A 124 13.57 0.37 -0.38
C ARG A 124 14.04 1.65 -1.05
N ALA A 125 14.86 2.40 -0.32
CA ALA A 125 15.57 3.55 -0.87
C ALA A 125 16.84 2.93 -1.41
N CYS A 126 16.85 2.67 -2.72
CA CYS A 126 17.87 1.84 -3.32
C CYS A 126 18.66 2.52 -4.43
N GLY A 127 18.41 3.82 -4.63
CA GLY A 127 19.15 4.62 -5.61
C GLY A 127 20.62 4.73 -5.25
N ARG A 128 21.41 5.29 -6.15
CA ARG A 128 22.83 5.29 -5.93
C ARG A 128 23.27 6.00 -4.67
N PHE A 129 22.52 7.02 -4.29
CA PHE A 129 22.80 7.82 -3.10
C PHE A 129 22.79 6.94 -1.85
N PHE A 130 22.04 5.84 -1.93
CA PHE A 130 21.70 5.03 -0.79
C PHE A 130 22.47 3.70 -0.79
N GLN A 131 23.27 3.46 -1.83
CA GLN A 131 24.04 2.23 -1.98
C GLN A 131 25.52 2.43 -1.65
N LYS A 132 26.16 1.42 -1.07
CA LYS A 132 27.60 1.22 -1.26
C LYS A 132 27.95 0.81 -2.68
N GLY A 133 28.91 1.50 -3.29
CA GLY A 133 30.30 1.34 -2.93
C GLY A 133 31.19 2.14 -3.85
N GLY A 135 31.52 5.36 -4.08
CA GLY A 135 32.23 6.30 -3.21
C GLY A 135 31.45 6.60 -1.94
N THR A 136 31.19 7.88 -1.70
CA THR A 136 30.37 8.27 -0.56
C THR A 136 28.91 8.00 -0.84
N CYS A 137 28.18 7.70 0.21
CA CYS A 137 26.77 7.38 0.10
C CYS A 137 26.17 7.57 1.47
N PHE A 138 24.84 7.53 1.50
CA PHE A 138 24.10 7.63 2.73
C PHE A 138 23.48 6.25 2.93
N TYR A 139 24.26 5.34 3.50
CA TYR A 139 23.86 3.94 3.58
C TYR A 139 23.26 3.59 4.92
N PHE A 140 22.12 2.91 4.88
CA PHE A 140 21.47 2.44 6.08
C PHE A 140 20.72 1.14 5.77
N GLY A 141 21.09 0.50 4.67
CA GLY A 141 20.47 -0.76 4.26
C GLY A 141 19.07 -0.59 3.70
N GLU A 142 18.80 0.59 3.15
CA GLU A 142 17.63 0.85 2.28
C GLU A 142 16.25 0.88 2.91
N LEU A 143 16.04 0.08 3.94
CA LEU A 143 14.72 -0.11 4.55
C LEU A 143 14.45 0.87 5.70
N PRO A 144 13.17 1.27 5.87
CA PRO A 144 12.75 2.11 7.00
C PRO A 144 13.24 1.60 8.37
N LEU A 145 13.06 0.31 8.65
CA LEU A 145 13.50 -0.27 9.94
C LEU A 145 15.00 -0.14 10.10
N SER A 146 15.72 -0.42 9.01
CA SER A 146 17.17 -0.37 9.01
C SER A 146 17.63 1.08 9.20
N LEU A 147 16.95 2.03 8.55
CA LEU A 147 17.24 3.43 8.78
C LEU A 147 17.04 3.81 10.25
N ALA A 148 15.92 3.37 10.83
CA ALA A 148 15.59 3.69 12.21
C ALA A 148 16.66 3.14 13.15
N ALA A 149 17.10 1.92 12.87
CA ALA A 149 18.13 1.27 13.67
C ALA A 149 19.48 1.95 13.52
N CYS A 150 19.86 2.24 12.28
CA CYS A 150 21.17 2.84 12.00
C CYS A 150 21.28 4.26 12.53
N THR A 151 20.16 4.96 12.67
CA THR A 151 20.14 6.31 13.22
C THR A 151 19.83 6.30 14.72
N LYS A 152 19.86 5.10 15.32
CA LYS A 152 19.78 4.92 16.78
C LYS A 152 18.45 5.37 17.38
N GLN A 153 17.35 5.06 16.69
CA GLN A 153 16.03 5.47 17.14
C GLN A 153 15.22 4.29 17.63
N TRP A 154 15.44 3.93 18.89
CA TRP A 154 14.73 2.75 19.41
C TRP A 154 13.22 2.96 19.39
N ASP A 155 12.76 4.17 19.69
CA ASP A 155 11.33 4.44 19.70
C ASP A 155 10.70 4.17 18.33
N VAL A 156 11.41 4.57 17.28
CA VAL A 156 10.91 4.37 15.91
C VAL A 156 11.04 2.90 15.51
N VAL A 157 12.16 2.26 15.85
CA VAL A 157 12.32 0.82 15.61
C VAL A 157 11.15 0.06 16.26
N SER A 158 10.90 0.38 17.53
CA SER A 158 9.85 -0.26 18.30
CA SER A 158 9.84 -0.26 18.29
C SER A 158 8.49 -0.10 17.61
N TYR A 159 8.20 1.13 17.21
CA TYR A 159 6.92 1.38 16.53
C TYR A 159 6.83 0.59 15.23
N LEU A 160 7.87 0.67 14.41
CA LEU A 160 7.87 -0.06 13.14
C LEU A 160 7.64 -1.56 13.32
N LEU A 161 8.27 -2.14 14.34
CA LEU A 161 8.14 -3.57 14.58
C LEU A 161 6.77 -4.00 15.09
N GLU A 162 6.11 -3.13 15.84
CA GLU A 162 4.95 -3.54 16.67
C GLU A 162 3.64 -2.90 16.29
N ASN A 163 3.65 -1.97 15.35
CA ASN A 163 2.44 -1.20 15.02
C ASN A 163 1.35 -2.07 14.40
N PRO A 164 0.08 -1.64 14.54
CA PRO A 164 -1.05 -2.47 14.07
C PRO A 164 -1.37 -2.41 12.56
N HIS A 165 -0.68 -1.54 11.82
CA HIS A 165 -0.98 -1.30 10.40
C HIS A 165 -0.15 -2.11 9.42
N GLN A 166 1.17 -2.01 9.56
CA GLN A 166 2.08 -2.88 8.81
C GLN A 166 3.35 -3.00 9.62
N PRO A 167 3.46 -4.08 10.42
CA PRO A 167 4.68 -4.29 11.16
C PRO A 167 5.83 -4.56 10.20
N ALA A 168 6.97 -3.93 10.48
CA ALA A 168 8.18 -4.15 9.69
C ALA A 168 8.84 -5.45 10.13
N SER A 169 9.37 -6.20 9.17
CA SER A 169 9.98 -7.49 9.49
C SER A 169 11.47 -7.39 9.76
N LEU A 170 11.90 -8.00 10.85
CA LEU A 170 13.34 -8.10 11.16
C LEU A 170 14.12 -8.87 10.10
N GLN A 171 13.39 -9.68 9.32
CA GLN A 171 13.98 -10.53 8.30
C GLN A 171 14.09 -9.85 6.94
N ALA A 172 13.55 -8.64 6.83
CA ALA A 172 13.58 -7.91 5.56
C ALA A 172 15.01 -7.64 5.13
N THR A 173 15.25 -7.65 3.83
CA THR A 173 16.58 -7.35 3.34
C THR A 173 16.55 -6.22 2.32
N ASP A 174 17.70 -5.58 2.14
CA ASP A 174 17.82 -4.57 1.11
C ASP A 174 18.04 -5.26 -0.22
N SER A 175 18.29 -4.45 -1.26
CA SER A 175 18.47 -4.95 -2.61
CA SER A 175 18.47 -4.97 -2.61
C SER A 175 19.66 -5.92 -2.72
N GLN A 176 20.57 -5.85 -1.75
CA GLN A 176 21.75 -6.71 -1.70
C GLN A 176 21.65 -7.83 -0.66
N GLY A 177 20.46 -8.04 -0.13
CA GLY A 177 20.23 -9.12 0.84
C GLY A 177 20.69 -8.80 2.25
N ASN A 178 21.00 -7.53 2.51
CA ASN A 178 21.41 -7.12 3.86
C ASN A 178 20.24 -6.82 4.76
N THR A 179 20.21 -7.50 5.89
CA THR A 179 19.22 -7.25 6.93
C THR A 179 19.68 -6.07 7.77
N VAL A 180 18.83 -5.67 8.70
CA VAL A 180 19.19 -4.58 9.60
C VAL A 180 20.47 -4.89 10.37
N LEU A 181 20.69 -6.16 10.70
CA LEU A 181 21.95 -6.55 11.35
C LEU A 181 23.18 -6.33 10.45
N HIS A 182 23.07 -6.68 9.17
CA HIS A 182 24.14 -6.39 8.22
C HIS A 182 24.35 -4.88 8.13
N ALA A 183 23.25 -4.12 8.07
CA ALA A 183 23.34 -2.67 7.95
C ALA A 183 24.08 -2.08 9.15
N LEU A 184 23.78 -2.58 10.35
CA LEU A 184 24.43 -2.12 11.56
C LEU A 184 25.92 -2.42 11.54
N VAL A 185 26.28 -3.60 11.05
CA VAL A 185 27.69 -3.91 10.84
C VAL A 185 28.33 -2.86 9.92
N MSE A 186 27.67 -2.57 8.81
CA MSE A 186 28.22 -1.65 7.82
C MSE A 186 28.44 -0.23 8.34
O MSE A 186 29.43 0.42 7.96
CB MSE A 186 27.33 -1.60 6.58
CG MSE A 186 27.33 -2.87 5.80
SE MSE A 186 29.11 -3.34 5.17
CE MSE A 186 29.61 -1.73 4.21
N ILE A 187 27.54 0.24 9.18
CA ILE A 187 27.63 1.62 9.69
C ILE A 187 28.49 1.69 10.95
N SER A 188 28.89 0.54 11.47
CA SER A 188 29.72 0.53 12.67
C SER A 188 31.12 0.97 12.35
N ASP A 189 31.87 1.32 13.38
CA ASP A 189 33.28 1.62 13.20
C ASP A 189 34.04 1.01 14.36
N ASN A 190 35.32 1.35 14.47
CA ASN A 190 36.13 0.75 15.52
C ASN A 190 36.45 1.74 16.64
N SER A 191 35.63 2.78 16.73
CA SER A 191 35.83 3.82 17.72
CA SER A 191 35.84 3.82 17.73
C SER A 191 35.11 3.48 19.02
N ALA A 192 35.79 3.72 20.14
CA ALA A 192 35.25 3.49 21.46
C ALA A 192 34.01 4.35 21.71
N GLU A 193 34.00 5.55 21.15
CA GLU A 193 32.90 6.51 21.37
C GLU A 193 31.59 6.17 20.65
N ASN A 194 31.64 5.26 19.68
CA ASN A 194 30.47 4.98 18.83
C ASN A 194 29.88 3.58 18.95
N ILE A 195 30.67 2.63 19.44
CA ILE A 195 30.29 1.22 19.41
C ILE A 195 29.11 0.88 20.35
N ALA A 196 29.04 1.52 21.51
CA ALA A 196 28.01 1.23 22.50
C ALA A 196 26.60 1.43 21.93
N LEU A 197 26.41 2.53 21.19
CA LEU A 197 25.10 2.80 20.58
C LEU A 197 24.74 1.78 19.51
N VAL A 198 25.72 1.37 18.72
CA VAL A 198 25.49 0.37 17.68
C VAL A 198 25.16 -0.99 18.30
N THR A 199 25.97 -1.43 19.25
CA THR A 199 25.74 -2.73 19.87
C THR A 199 24.46 -2.72 20.69
N SER A 200 24.09 -1.56 21.23
CA SER A 200 22.80 -1.43 21.90
C SER A 200 21.62 -1.74 20.96
N MSE A 201 21.57 -1.14 19.76
CA MSE A 201 20.45 -1.49 18.84
C MSE A 201 20.58 -2.91 18.38
O MSE A 201 19.60 -3.61 18.29
CB MSE A 201 20.22 -0.59 17.59
CG MSE A 201 18.61 -0.24 17.32
SE MSE A 201 18.77 1.56 18.12
CE MSE A 201 19.06 1.20 20.04
N TYR A 202 21.80 -3.34 18.07
CA TYR A 202 22.02 -4.72 17.64
C TYR A 202 21.39 -5.69 18.64
N ASP A 203 21.74 -5.55 19.90
CA ASP A 203 21.21 -6.43 20.94
C ASP A 203 19.69 -6.31 21.08
N GLY A 204 19.19 -5.08 20.98
CA GLY A 204 17.76 -4.82 21.07
C GLY A 204 17.00 -5.55 19.98
N LEU A 205 17.59 -5.56 18.78
CA LEU A 205 16.99 -6.24 17.63
C LEU A 205 17.01 -7.75 17.79
N LEU A 206 18.12 -8.29 18.31
CA LEU A 206 18.17 -9.71 18.61
C LEU A 206 17.11 -10.10 19.63
N GLN A 207 16.95 -9.27 20.66
CA GLN A 207 15.91 -9.48 21.67
C GLN A 207 14.53 -9.41 21.03
N ALA A 208 14.35 -8.46 20.12
CA ALA A 208 13.09 -8.34 19.38
C ALA A 208 12.84 -9.60 18.57
N GLY A 209 13.89 -10.13 17.95
CA GLY A 209 13.79 -11.35 17.16
C GLY A 209 13.31 -12.51 18.00
N ALA A 210 13.78 -12.58 19.24
CA ALA A 210 13.36 -13.66 20.14
C ALA A 210 11.87 -13.59 20.47
N ARG A 211 11.32 -12.38 20.45
CA ARG A 211 9.91 -12.14 20.70
CA ARG A 211 9.91 -12.16 20.70
C ARG A 211 9.05 -12.36 19.45
N LEU A 212 9.54 -11.85 18.33
CA LEU A 212 8.74 -11.68 17.12
C LEU A 212 8.94 -12.74 16.03
N CYS A 213 10.14 -13.33 15.98
CA CYS A 213 10.42 -14.43 15.05
C CYS A 213 11.31 -15.45 15.74
N PRO A 214 10.80 -16.10 16.79
CA PRO A 214 11.61 -16.93 17.68
C PRO A 214 12.28 -18.12 16.98
N THR A 215 11.68 -18.60 15.89
CA THR A 215 12.23 -19.77 15.19
C THR A 215 13.33 -19.40 14.20
N VAL A 216 13.55 -18.10 14.02
CA VAL A 216 14.49 -17.61 13.02
C VAL A 216 15.78 -17.13 13.65
N GLN A 217 16.89 -17.69 13.20
CA GLN A 217 18.19 -17.26 13.69
C GLN A 217 18.64 -16.11 12.81
N LEU A 218 18.33 -14.88 13.24
CA LEU A 218 18.65 -13.68 12.46
C LEU A 218 20.13 -13.55 12.09
N GLU A 219 21.01 -14.00 12.99
CA GLU A 219 22.46 -13.92 12.75
C GLU A 219 22.97 -14.91 11.69
N ASP A 220 22.10 -15.84 11.27
CA ASP A 220 22.45 -16.80 10.23
C ASP A 220 21.99 -16.38 8.84
N ILE A 221 21.27 -15.27 8.75
CA ILE A 221 20.80 -14.77 7.45
C ILE A 221 21.99 -14.23 6.66
N ARG A 222 22.14 -14.76 5.45
CA ARG A 222 23.25 -14.42 4.57
C ARG A 222 22.77 -13.45 3.50
N ASN A 223 23.57 -12.43 3.23
CA ASN A 223 23.27 -11.52 2.14
C ASN A 223 23.60 -12.16 0.79
N LEU A 224 23.45 -11.40 -0.29
CA LEU A 224 23.63 -11.96 -1.64
C LEU A 224 25.08 -12.32 -1.95
N GLN A 225 26.00 -11.82 -1.12
CA GLN A 225 27.40 -12.21 -1.16
C GLN A 225 27.69 -13.37 -0.20
N ASP A 226 26.63 -14.01 0.30
CA ASP A 226 26.72 -15.20 1.15
C ASP A 226 27.32 -14.95 2.53
N LEU A 227 27.24 -13.69 2.99
CA LEU A 227 27.83 -13.30 4.26
C LEU A 227 26.76 -13.11 5.34
N THR A 228 26.95 -13.77 6.48
CA THR A 228 26.19 -13.46 7.69
C THR A 228 26.70 -12.12 8.23
N PRO A 229 25.95 -11.49 9.16
CA PRO A 229 26.46 -10.25 9.75
C PRO A 229 27.89 -10.39 10.33
N LEU A 230 28.15 -11.50 11.02
CA LEU A 230 29.49 -11.72 11.58
C LEU A 230 30.56 -11.78 10.50
N LYS A 231 30.30 -12.54 9.45
CA LYS A 231 31.27 -12.69 8.36
C LYS A 231 31.44 -11.40 7.58
N LEU A 232 30.34 -10.64 7.43
CA LEU A 232 30.42 -9.30 6.86
C LEU A 232 31.31 -8.40 7.73
N ALA A 233 31.14 -8.47 9.04
CA ALA A 233 31.95 -7.66 9.95
C ALA A 233 33.42 -7.95 9.74
N ALA A 234 33.72 -9.23 9.58
CA ALA A 234 35.10 -9.66 9.48
C ALA A 234 35.66 -9.13 8.18
N LYS A 235 34.94 -9.37 7.10
CA LYS A 235 35.29 -8.87 5.78
C LYS A 235 35.56 -7.37 5.73
N GLU A 236 34.72 -6.61 6.40
CA GLU A 236 34.77 -5.17 6.27
C GLU A 236 35.63 -4.50 7.33
N GLY A 237 36.32 -5.29 8.13
CA GLY A 237 37.22 -4.75 9.14
C GLY A 237 36.50 -4.10 10.29
N LYS A 238 35.25 -4.51 10.53
CA LYS A 238 34.46 -4.00 11.64
C LYS A 238 34.78 -4.83 12.88
N ILE A 239 35.97 -4.60 13.41
CA ILE A 239 36.51 -5.38 14.52
C ILE A 239 35.66 -5.27 15.78
N GLU A 240 35.22 -4.06 16.12
CA GLU A 240 34.52 -3.85 17.37
C GLU A 240 33.19 -4.60 17.38
N ILE A 241 32.43 -4.50 16.29
CA ILE A 241 31.14 -5.21 16.25
C ILE A 241 31.33 -6.72 16.09
N PHE A 242 32.36 -7.09 15.33
CA PHE A 242 32.74 -8.50 15.17
C PHE A 242 32.96 -9.13 16.53
N ARG A 243 33.75 -8.44 17.37
CA ARG A 243 33.99 -8.86 18.74
C ARG A 243 32.72 -8.89 19.56
N HIS A 244 31.85 -7.88 19.37
CA HIS A 244 30.55 -7.87 20.05
C HIS A 244 29.97 -9.28 19.97
N ILE A 245 29.93 -9.91 18.79
CA ILE A 245 28.73 -10.31 18.11
C ILE A 245 29.07 -11.75 18.54
N LEU A 246 30.37 -12.01 18.53
CA LEU A 246 30.97 -13.24 19.05
C LEU A 246 30.78 -13.42 20.54
N GLN A 247 31.01 -12.37 21.31
CA GLN A 247 31.07 -12.47 22.74
C GLN A 247 29.73 -12.11 23.40
N ARG A 248 28.76 -11.80 22.56
CA ARG A 248 27.47 -11.34 23.03
C ARG A 248 26.84 -12.22 24.09
N GLU A 249 26.80 -13.52 23.83
CA GLU A 249 26.11 -14.44 24.72
C GLU A 249 26.86 -14.73 26.02
N PHE A 250 28.02 -14.13 26.17
CA PHE A 250 28.65 -13.94 27.46
C PHE A 250 28.61 -12.47 27.84
N ASP B 2 15.38 -28.06 0.69
CA ASP B 2 15.11 -28.64 -0.62
C ASP B 2 13.95 -29.63 -0.60
N PRO B 3 13.73 -30.25 0.54
CA PRO B 3 12.39 -30.75 0.89
C PRO B 3 11.42 -29.59 1.13
N ASN B 4 11.98 -28.43 1.37
CA ASN B 4 11.20 -27.21 1.56
C ASN B 4 11.14 -26.40 0.27
N ARG B 5 11.72 -26.94 -0.80
CA ARG B 5 11.68 -26.23 -2.08
C ARG B 5 10.26 -26.09 -2.59
N PHE B 6 9.85 -24.84 -2.79
CA PHE B 6 8.54 -24.56 -3.34
C PHE B 6 8.69 -23.99 -4.73
N ASP B 7 8.24 -24.74 -5.73
CA ASP B 7 8.05 -24.15 -7.03
C ASP B 7 6.61 -23.65 -7.07
N ARG B 8 6.23 -23.01 -8.17
CA ARG B 8 4.91 -22.43 -8.24
C ARG B 8 3.82 -23.49 -8.11
N ASP B 9 4.04 -24.67 -8.69
CA ASP B 9 3.07 -25.77 -8.55
C ASP B 9 2.78 -26.10 -7.09
N ARG B 10 3.82 -26.29 -6.28
CA ARG B 10 3.65 -26.69 -4.91
C ARG B 10 2.93 -25.59 -4.13
N LEU B 11 3.32 -24.36 -4.44
CA LEU B 11 2.72 -23.18 -3.82
C LEU B 11 1.24 -23.05 -4.16
N PHE B 12 0.91 -23.08 -5.44
CA PHE B 12 -0.48 -22.99 -5.85
C PHE B 12 -1.30 -24.17 -5.33
N ASN B 13 -0.69 -25.36 -5.29
CA ASN B 13 -1.35 -26.51 -4.68
C ASN B 13 -1.62 -26.31 -3.18
N ALA B 14 -0.70 -25.69 -2.47
CA ALA B 14 -0.85 -25.55 -1.04
C ALA B 14 -2.08 -24.70 -0.77
N VAL B 15 -2.15 -23.54 -1.42
CA VAL B 15 -3.10 -22.51 -1.04
C VAL B 15 -4.47 -22.86 -1.53
N SER B 16 -4.54 -23.83 -2.43
CA SER B 16 -5.77 -24.15 -3.13
C SER B 16 -6.63 -25.15 -2.38
N ARG B 17 -6.04 -25.87 -1.44
CA ARG B 17 -6.81 -26.87 -0.73
C ARG B 17 -7.10 -26.49 0.72
N GLY B 18 -6.56 -25.36 1.15
CA GLY B 18 -7.05 -24.72 2.35
C GLY B 18 -6.48 -25.35 3.58
N VAL B 19 -5.37 -26.05 3.41
CA VAL B 19 -4.67 -26.66 4.53
C VAL B 19 -3.32 -26.00 4.70
N PRO B 20 -3.26 -25.13 5.69
CA PRO B 20 -2.08 -24.26 5.90
C PRO B 20 -0.81 -25.04 6.19
N GLU B 21 -0.94 -26.27 6.68
CA GLU B 21 0.21 -27.13 6.99
C GLU B 21 1.10 -27.40 5.76
N ASP B 22 0.46 -27.33 4.59
CA ASP B 22 1.06 -27.58 3.29
C ASP B 22 1.98 -26.43 2.87
N LEU B 23 1.88 -25.34 3.60
CA LEU B 23 2.82 -24.24 3.47
C LEU B 23 4.05 -24.39 4.35
N ALA B 24 4.11 -25.44 5.16
CA ALA B 24 5.28 -25.70 5.97
C ALA B 24 6.54 -25.81 5.13
N GLY B 25 7.56 -25.07 5.53
CA GLY B 25 8.78 -24.98 4.75
C GLY B 25 8.92 -23.78 3.85
N LEU B 26 7.80 -23.15 3.53
CA LEU B 26 7.81 -22.03 2.59
C LEU B 26 8.58 -20.83 3.11
N PRO B 27 8.31 -20.41 4.34
CA PRO B 27 9.08 -19.26 4.85
C PRO B 27 10.58 -19.54 4.86
N GLU B 28 10.96 -20.73 5.29
CA GLU B 28 12.36 -21.13 5.35
C GLU B 28 12.99 -21.11 3.95
N TYR B 29 12.23 -21.61 2.97
CA TYR B 29 12.71 -21.61 1.58
C TYR B 29 12.88 -20.22 0.99
N LEU B 30 11.89 -19.35 1.19
CA LEU B 30 11.98 -17.99 0.67
C LEU B 30 13.14 -17.25 1.33
N SER B 31 13.34 -17.51 2.62
CA SER B 31 14.42 -16.91 3.38
C SER B 31 15.78 -17.32 2.83
N LYS B 32 15.99 -18.64 2.72
CA LYS B 32 17.21 -19.22 2.17
C LYS B 32 17.55 -18.65 0.78
N THR B 33 16.53 -18.58 -0.08
CA THR B 33 16.71 -18.20 -1.48
C THR B 33 16.50 -16.71 -1.78
N SER B 34 16.11 -15.93 -0.77
CA SER B 34 15.77 -14.51 -0.95
C SER B 34 14.74 -14.30 -2.08
N LYS B 35 13.72 -15.13 -2.09
CA LYS B 35 12.64 -15.01 -3.06
C LYS B 35 11.42 -14.40 -2.39
N TYR B 36 10.50 -13.88 -3.20
CA TYR B 36 9.26 -13.32 -2.69
C TYR B 36 8.10 -13.94 -3.42
N LEU B 37 6.94 -13.97 -2.76
CA LEU B 37 5.74 -14.57 -3.35
C LEU B 37 5.22 -13.84 -4.57
N THR B 38 5.73 -12.63 -4.82
CA THR B 38 5.33 -11.83 -5.98
C THR B 38 6.29 -12.01 -7.16
N ASP B 39 7.38 -12.73 -6.95
CA ASP B 39 8.38 -12.99 -8.00
C ASP B 39 7.74 -13.62 -9.23
N SER B 40 8.30 -13.30 -10.40
CA SER B 40 7.79 -13.81 -11.68
CA SER B 40 7.77 -13.80 -11.67
C SER B 40 7.53 -15.31 -11.65
N GLU B 41 8.47 -16.06 -11.10
CA GLU B 41 8.34 -17.52 -11.06
C GLU B 41 7.12 -18.00 -10.28
N TYR B 42 6.62 -17.16 -9.37
CA TYR B 42 5.47 -17.53 -8.53
C TYR B 42 4.14 -16.97 -9.02
N THR B 43 4.19 -16.19 -10.08
CA THR B 43 2.96 -15.72 -10.70
C THR B 43 2.74 -16.33 -12.05
N GLU B 44 1.49 -16.59 -12.38
CA GLU B 44 1.11 -17.05 -13.70
C GLU B 44 1.06 -15.92 -14.69
N GLY B 45 2.22 -15.36 -15.02
CA GLY B 45 2.80 -15.50 -16.35
C GLY B 45 2.10 -14.63 -17.37
N SER B 46 0.98 -15.12 -17.89
CA SER B 46 0.20 -14.35 -18.83
C SER B 46 -0.40 -13.10 -18.18
N THR B 47 -0.95 -13.27 -16.98
CA THR B 47 -1.88 -12.30 -16.39
C THR B 47 -1.27 -11.82 -15.10
N GLY B 48 -0.32 -12.59 -14.61
CA GLY B 48 0.25 -12.33 -13.32
C GLY B 48 -0.57 -12.84 -12.14
N LYS B 49 -1.45 -13.83 -12.30
CA LYS B 49 -2.18 -14.22 -11.10
C LYS B 49 -1.20 -14.68 -10.03
N THR B 50 -1.47 -14.30 -8.79
CA THR B 50 -0.61 -14.66 -7.68
C THR B 50 -1.23 -15.77 -6.86
N CYS B 51 -0.43 -16.35 -5.98
CA CYS B 51 -0.89 -17.35 -5.05
C CYS B 51 -2.00 -16.84 -4.14
N LEU B 52 -1.97 -15.55 -3.82
CA LEU B 52 -3.00 -15.00 -2.96
C LEU B 52 -4.33 -14.97 -3.71
N MSE B 53 -4.29 -14.55 -4.97
CA MSE B 53 -5.49 -14.55 -5.80
C MSE B 53 -6.02 -15.98 -5.94
O MSE B 53 -7.21 -16.22 -5.80
CB MSE B 53 -5.19 -13.92 -7.15
CG MSE B 53 -4.84 -12.45 -7.04
SE MSE B 53 -4.35 -11.80 -8.77
CE MSE B 53 -3.52 -10.23 -8.33
N LYS B 54 -5.11 -16.93 -6.15
CA LYS B 54 -5.48 -18.35 -6.16
C LYS B 54 -6.18 -18.76 -4.87
N ALA B 55 -5.63 -18.33 -3.73
CA ALA B 55 -6.22 -18.65 -2.43
C ALA B 55 -7.63 -18.09 -2.29
N VAL B 56 -7.81 -16.83 -2.69
CA VAL B 56 -9.12 -16.18 -2.56
C VAL B 56 -10.13 -16.81 -3.53
N LEU B 57 -9.67 -17.23 -4.69
CA LEU B 57 -10.52 -17.94 -5.65
C LEU B 57 -10.99 -19.29 -5.13
N ASN B 58 -10.27 -19.81 -4.14
CA ASN B 58 -10.56 -21.12 -3.58
C ASN B 58 -11.14 -21.04 -2.18
N LEU B 59 -11.93 -20.01 -1.94
CA LEU B 59 -12.71 -19.94 -0.72
C LEU B 59 -13.76 -21.03 -0.75
N LYS B 60 -13.94 -21.70 0.38
CA LYS B 60 -15.11 -22.56 0.58
C LYS B 60 -15.90 -22.04 1.77
N ASP B 61 -17.18 -21.76 1.55
CA ASP B 61 -18.05 -21.12 2.54
C ASP B 61 -17.44 -19.80 3.02
N GLY B 62 -16.77 -19.09 2.10
CA GLY B 62 -16.12 -17.82 2.40
C GLY B 62 -14.82 -17.95 3.17
N VAL B 63 -14.30 -19.17 3.32
CA VAL B 63 -13.05 -19.39 4.06
C VAL B 63 -11.94 -20.16 3.31
N ASN B 64 -10.71 -19.72 3.51
CA ASN B 64 -9.53 -20.48 3.14
C ASN B 64 -8.44 -20.21 4.14
N ALA B 65 -8.06 -21.23 4.88
CA ALA B 65 -7.14 -21.06 6.00
C ALA B 65 -5.70 -20.74 5.59
N CYS B 66 -5.43 -20.78 4.31
CA CYS B 66 -4.12 -20.45 3.81
C CYS B 66 -3.88 -18.96 3.61
N ILE B 67 -4.94 -18.18 3.54
CA ILE B 67 -4.83 -16.80 3.16
C ILE B 67 -4.01 -16.02 4.18
N LEU B 68 -4.35 -16.19 5.45
CA LEU B 68 -3.70 -15.46 6.50
C LEU B 68 -2.23 -15.82 6.61
N PRO B 69 -1.92 -17.10 6.72
CA PRO B 69 -0.48 -17.47 6.67
C PRO B 69 0.28 -16.99 5.43
N LEU B 70 -0.35 -16.97 4.25
CA LEU B 70 0.29 -16.39 3.06
C LEU B 70 0.64 -14.92 3.28
N LEU B 71 -0.34 -14.18 3.78
CA LEU B 71 -0.14 -12.76 4.06
C LEU B 71 0.93 -12.56 5.11
N GLN B 72 0.98 -13.44 6.10
CA GLN B 72 2.01 -13.36 7.15
C GLN B 72 3.38 -13.71 6.60
N ILE B 73 3.44 -14.76 5.77
CA ILE B 73 4.69 -15.12 5.10
C ILE B 73 5.20 -13.95 4.25
N ASP B 74 4.31 -13.30 3.51
CA ASP B 74 4.74 -12.20 2.68
C ASP B 74 5.26 -11.05 3.54
N ARG B 75 4.54 -10.74 4.60
CA ARG B 75 4.96 -9.66 5.52
C ARG B 75 6.32 -9.99 6.14
N ASP B 76 6.45 -11.20 6.68
CA ASP B 76 7.71 -11.62 7.31
C ASP B 76 8.87 -11.59 6.34
N SER B 77 8.61 -11.85 5.05
CA SER B 77 9.64 -11.80 4.03
C SER B 77 10.16 -10.38 3.77
N GLY B 78 9.39 -9.38 4.23
CA GLY B 78 9.73 -7.97 4.02
C GLY B 78 9.63 -7.56 2.56
N ASN B 79 8.65 -8.11 1.87
CA ASN B 79 8.49 -7.88 0.44
C ASN B 79 8.23 -6.40 0.14
N PRO B 80 9.10 -5.77 -0.67
CA PRO B 80 8.90 -4.35 -0.97
C PRO B 80 7.66 -4.08 -1.82
N GLN B 81 7.12 -5.12 -2.45
CA GLN B 81 5.92 -5.03 -3.28
C GLN B 81 4.90 -6.00 -2.71
N PRO B 82 4.15 -5.56 -1.69
CA PRO B 82 3.30 -6.46 -0.91
C PRO B 82 2.38 -7.31 -1.76
N LEU B 83 2.39 -8.60 -1.50
CA LEU B 83 1.52 -9.56 -2.20
C LEU B 83 0.06 -9.15 -2.20
N VAL B 84 -0.41 -8.57 -1.09
CA VAL B 84 -1.82 -8.24 -0.96
C VAL B 84 -2.30 -7.33 -2.10
N ASN B 85 -1.40 -6.49 -2.59
CA ASN B 85 -1.75 -5.50 -3.61
C ASN B 85 -1.32 -5.81 -5.04
N ALA B 86 -0.84 -7.02 -5.25
CA ALA B 86 -0.48 -7.46 -6.59
C ALA B 86 -1.72 -7.36 -7.47
N GLN B 87 -1.51 -6.99 -8.72
CA GLN B 87 -2.61 -6.85 -9.66
C GLN B 87 -2.28 -7.55 -10.93
N CYS B 88 -3.31 -8.03 -11.62
CA CYS B 88 -3.12 -8.61 -12.94
C CYS B 88 -2.48 -7.62 -13.89
N THR B 89 -1.63 -8.13 -14.79
CA THR B 89 -0.78 -7.29 -15.60
C THR B 89 -1.13 -7.32 -17.09
N ASP B 90 -1.97 -8.27 -17.47
CA ASP B 90 -2.37 -8.43 -18.88
C ASP B 90 -3.40 -7.36 -19.27
N ASP B 91 -3.58 -7.14 -20.58
CA ASP B 91 -4.45 -6.06 -21.04
C ASP B 91 -5.92 -6.32 -20.73
N TYR B 92 -6.29 -7.58 -20.61
CA TYR B 92 -7.69 -7.96 -20.41
C TYR B 92 -8.12 -7.79 -18.96
N TYR B 93 -7.35 -8.39 -18.05
CA TYR B 93 -7.69 -8.36 -16.64
C TYR B 93 -6.92 -7.31 -15.86
N ARG B 94 -6.21 -6.41 -16.54
CA ARG B 94 -5.35 -5.42 -15.90
C ARG B 94 -5.96 -4.82 -14.62
N GLY B 95 -5.19 -4.88 -13.54
CA GLY B 95 -5.59 -4.22 -12.31
C GLY B 95 -6.39 -5.07 -11.34
N HIS B 96 -6.88 -6.23 -11.79
CA HIS B 96 -7.66 -7.11 -10.94
C HIS B 96 -6.81 -7.51 -9.73
N SER B 97 -7.40 -7.41 -8.55
CA SER B 97 -6.66 -7.68 -7.31
C SER B 97 -7.40 -8.69 -6.44
N ALA B 98 -6.70 -9.21 -5.44
CA ALA B 98 -7.31 -10.17 -4.52
C ALA B 98 -8.54 -9.57 -3.84
N LEU B 99 -8.49 -8.29 -3.51
CA LEU B 99 -9.63 -7.63 -2.90
C LEU B 99 -10.87 -7.69 -3.81
N HIS B 100 -10.68 -7.44 -5.12
CA HIS B 100 -11.78 -7.55 -6.08
C HIS B 100 -12.36 -8.95 -6.07
N ILE B 101 -11.50 -9.96 -6.02
CA ILE B 101 -11.97 -11.34 -6.05
C ILE B 101 -12.81 -11.64 -4.81
N ALA B 102 -12.31 -11.23 -3.64
CA ALA B 102 -13.03 -11.45 -2.39
C ALA B 102 -14.40 -10.80 -2.42
N ILE B 103 -14.49 -9.59 -2.96
CA ILE B 103 -15.79 -8.91 -3.07
C ILE B 103 -16.71 -9.68 -4.01
N GLU B 104 -16.19 -10.09 -5.16
CA GLU B 104 -17.00 -10.84 -6.13
C GLU B 104 -17.52 -12.15 -5.55
N LYS B 105 -16.69 -12.80 -4.73
CA LYS B 105 -17.07 -14.02 -4.01
C LYS B 105 -18.05 -13.78 -2.86
N ARG B 106 -18.28 -12.50 -2.56
CA ARG B 106 -19.25 -12.06 -1.56
C ARG B 106 -18.84 -12.47 -0.14
N SER B 107 -17.52 -12.52 0.08
CA SER B 107 -16.99 -12.91 1.38
C SER B 107 -16.55 -11.69 2.15
N LEU B 108 -17.44 -11.19 3.00
CA LEU B 108 -17.07 -10.08 3.87
C LEU B 108 -15.87 -10.44 4.74
N GLN B 109 -15.82 -11.66 5.27
CA GLN B 109 -14.69 -12.05 6.13
C GLN B 109 -13.36 -11.96 5.38
N CYS B 110 -13.36 -12.37 4.13
CA CYS B 110 -12.15 -12.28 3.33
C CYS B 110 -11.79 -10.84 2.99
N VAL B 111 -12.81 -10.04 2.68
CA VAL B 111 -12.61 -8.61 2.46
C VAL B 111 -11.94 -7.99 3.68
N LYS B 112 -12.48 -8.29 4.86
CA LYS B 112 -11.92 -7.74 6.11
C LYS B 112 -10.46 -8.17 6.25
N LEU B 113 -10.20 -9.46 6.06
CA LEU B 113 -8.84 -10.00 6.19
C LEU B 113 -7.85 -9.28 5.26
N LEU B 114 -8.23 -9.09 4.00
CA LEU B 114 -7.39 -8.42 3.02
C LEU B 114 -7.16 -6.93 3.39
N VAL B 115 -8.25 -6.25 3.76
CA VAL B 115 -8.20 -4.84 4.09
C VAL B 115 -7.36 -4.62 5.35
N GLU B 116 -7.53 -5.50 6.35
CA GLU B 116 -6.72 -5.43 7.57
C GLU B 116 -5.25 -5.62 7.27
N ASN B 117 -4.96 -6.32 6.17
CA ASN B 117 -3.58 -6.58 5.76
C ASN B 117 -3.08 -5.67 4.66
N GLY B 118 -3.76 -4.53 4.49
CA GLY B 118 -3.23 -3.44 3.68
C GLY B 118 -3.72 -3.41 2.25
N ALA B 119 -4.74 -4.20 1.93
CA ALA B 119 -5.30 -4.18 0.57
C ALA B 119 -5.73 -2.78 0.16
N ASN B 120 -5.39 -2.41 -1.07
CA ASN B 120 -5.70 -1.10 -1.62
C ASN B 120 -7.15 -1.06 -2.07
N VAL B 121 -7.96 -0.33 -1.31
CA VAL B 121 -9.39 -0.25 -1.60
C VAL B 121 -9.69 0.63 -2.81
N HIS B 122 -8.69 1.36 -3.30
CA HIS B 122 -8.87 2.18 -4.50
C HIS B 122 -8.19 1.63 -5.75
N ALA B 123 -7.76 0.37 -5.67
CA ALA B 123 -7.20 -0.34 -6.85
C ALA B 123 -8.25 -0.45 -7.94
N ARG B 124 -7.84 -0.15 -9.17
CA ARG B 124 -8.76 -0.22 -10.31
C ARG B 124 -8.55 -1.50 -11.11
N ALA B 125 -9.63 -2.24 -11.28
CA ALA B 125 -9.66 -3.34 -12.24
C ALA B 125 -10.06 -2.67 -13.54
N CYS B 126 -9.07 -2.35 -14.36
CA CYS B 126 -9.25 -1.41 -15.47
C CYS B 126 -8.94 -2.04 -16.83
N GLY B 127 -8.68 -3.33 -16.82
CA GLY B 127 -8.52 -4.09 -18.04
C GLY B 127 -9.72 -4.05 -18.96
N ARG B 128 -9.50 -4.44 -20.20
CA ARG B 128 -10.57 -4.51 -21.17
C ARG B 128 -11.80 -5.28 -20.70
N PHE B 129 -11.57 -6.37 -19.98
CA PHE B 129 -12.66 -7.16 -19.42
C PHE B 129 -13.57 -6.27 -18.61
N PHE B 130 -13.01 -5.24 -18.00
CA PHE B 130 -13.71 -4.50 -16.97
C PHE B 130 -14.28 -3.17 -17.44
N GLN B 131 -14.10 -2.91 -18.74
CA GLN B 131 -14.36 -1.60 -19.32
C GLN B 131 -15.70 -1.62 -20.08
N LYS B 132 -16.60 -0.73 -19.70
CA LYS B 132 -17.75 -0.43 -20.55
C LYS B 132 -17.28 0.44 -21.68
N GLY B 133 -17.82 0.18 -22.86
CA GLY B 133 -17.09 0.37 -24.08
C GLY B 133 -16.98 -0.91 -24.85
N GLN B 134 -16.65 -2.00 -24.15
CA GLN B 134 -16.43 -3.26 -24.83
C GLN B 134 -17.75 -3.92 -25.18
N GLY B 135 -18.83 -3.37 -24.66
CA GLY B 135 -20.15 -3.97 -24.90
C GLY B 135 -20.31 -5.16 -24.00
N THR B 136 -19.65 -6.26 -24.36
CA THR B 136 -19.53 -7.41 -23.47
C THR B 136 -18.33 -7.15 -22.58
N CYS B 137 -18.64 -6.99 -21.31
CA CYS B 137 -17.64 -6.65 -20.32
C CYS B 137 -18.29 -6.89 -18.97
N PHE B 138 -17.47 -6.92 -17.93
CA PHE B 138 -17.93 -7.05 -16.57
C PHE B 138 -17.71 -5.68 -15.93
N TYR B 139 -18.64 -4.74 -16.18
CA TYR B 139 -18.51 -3.34 -15.71
C TYR B 139 -19.16 -3.37 -14.34
N PHE B 140 -18.41 -3.04 -13.31
CA PHE B 140 -18.79 -2.16 -12.23
C PHE B 140 -18.08 -0.88 -11.82
N GLY B 141 -17.47 -0.18 -12.76
CA GLY B 141 -16.78 1.07 -12.43
C GLY B 141 -15.44 0.83 -11.74
N GLU B 142 -14.90 -0.38 -11.92
CA GLU B 142 -13.47 -0.70 -11.67
C GLU B 142 -13.03 -0.80 -10.22
N LEU B 143 -13.69 -0.07 -9.33
CA LEU B 143 -13.26 0.02 -7.93
C LEU B 143 -13.91 -1.02 -7.04
N PRO B 144 -13.22 -1.45 -5.98
CA PRO B 144 -13.81 -2.31 -4.95
C PRO B 144 -15.15 -1.82 -4.41
N LEU B 145 -15.25 -0.54 -4.02
CA LEU B 145 -16.52 -0.03 -3.49
C LEU B 145 -17.60 -0.11 -4.55
N SER B 146 -17.25 0.25 -5.78
CA SER B 146 -18.23 0.25 -6.87
C SER B 146 -18.65 -1.19 -7.19
N LEU B 147 -17.70 -2.11 -7.17
CA LEU B 147 -18.04 -3.53 -7.30
C LEU B 147 -19.06 -3.98 -6.25
N ALA B 148 -18.80 -3.63 -5.00
CA ALA B 148 -19.69 -4.04 -3.90
C ALA B 148 -21.07 -3.41 -4.08
N ALA B 149 -21.10 -2.14 -4.49
CA ALA B 149 -22.37 -1.42 -4.71
C ALA B 149 -23.15 -2.03 -5.88
N CYS B 150 -22.44 -2.38 -6.93
CA CYS B 150 -23.08 -2.89 -8.16
C CYS B 150 -23.53 -4.35 -8.04
N THR B 151 -23.04 -5.04 -7.03
CA THR B 151 -23.40 -6.45 -6.83
C THR B 151 -24.29 -6.64 -5.59
N LYS B 152 -24.90 -5.54 -5.13
CA LYS B 152 -25.90 -5.56 -4.06
C LYS B 152 -25.32 -6.13 -2.77
N GLN B 153 -24.18 -5.59 -2.37
CA GLN B 153 -23.55 -6.02 -1.14
C GLN B 153 -23.40 -4.87 -0.18
N TRP B 154 -24.51 -4.51 0.47
CA TRP B 154 -24.49 -3.39 1.41
C TRP B 154 -23.51 -3.63 2.56
N ASP B 155 -23.43 -4.87 3.03
CA ASP B 155 -22.51 -5.18 4.12
C ASP B 155 -21.05 -4.87 3.73
N VAL B 156 -20.69 -5.22 2.50
CA VAL B 156 -19.33 -4.95 2.02
C VAL B 156 -19.15 -3.46 1.77
N VAL B 157 -20.16 -2.82 1.19
CA VAL B 157 -20.12 -1.38 0.99
C VAL B 157 -19.87 -0.65 2.33
N SER B 158 -20.65 -1.03 3.34
CA SER B 158 -20.58 -0.40 4.66
CA SER B 158 -20.57 -0.40 4.64
C SER B 158 -19.19 -0.58 5.25
N TYR B 159 -18.66 -1.80 5.17
CA TYR B 159 -17.31 -2.04 5.68
C TYR B 159 -16.26 -1.21 4.94
N LEU B 160 -16.33 -1.23 3.62
CA LEU B 160 -15.35 -0.49 2.83
C LEU B 160 -15.36 0.99 3.19
N LEU B 161 -16.55 1.54 3.41
CA LEU B 161 -16.68 2.98 3.69
C LEU B 161 -16.16 3.33 5.07
N GLU B 162 -16.32 2.40 6.01
CA GLU B 162 -16.17 2.73 7.44
C GLU B 162 -15.01 2.08 8.16
N ASN B 163 -14.34 1.14 7.50
CA ASN B 163 -13.23 0.45 8.15
C ASN B 163 -12.11 1.43 8.53
N PRO B 164 -11.39 1.11 9.61
CA PRO B 164 -10.32 1.99 10.10
C PRO B 164 -8.99 1.88 9.36
N HIS B 165 -8.86 0.90 8.48
CA HIS B 165 -7.59 0.61 7.82
C HIS B 165 -7.36 1.45 6.59
N GLN B 166 -8.30 1.40 5.65
CA GLN B 166 -8.29 2.31 4.49
C GLN B 166 -9.73 2.46 4.07
N PRO B 167 -10.40 3.51 4.57
CA PRO B 167 -11.76 3.76 4.13
C PRO B 167 -11.80 4.09 2.64
N ALA B 168 -12.74 3.49 1.94
CA ALA B 168 -12.96 3.79 0.53
C ALA B 168 -13.69 5.11 0.40
N SER B 169 -13.31 5.90 -0.60
CA SER B 169 -13.94 7.21 -0.80
C SER B 169 -15.10 7.15 -1.78
N LEU B 170 -16.22 7.74 -1.38
CA LEU B 170 -17.36 7.88 -2.29
C LEU B 170 -17.05 8.73 -3.52
N GLN B 171 -15.98 9.52 -3.45
CA GLN B 171 -15.60 10.39 -4.56
C GLN B 171 -14.65 9.72 -5.53
N ALA B 172 -14.20 8.50 -5.19
CA ALA B 172 -13.26 7.77 -6.05
C ALA B 172 -13.89 7.50 -7.40
N THR B 173 -13.06 7.45 -8.43
CA THR B 173 -13.58 7.21 -9.76
C THR B 173 -12.81 6.10 -10.46
N ASP B 174 -13.41 5.58 -11.52
CA ASP B 174 -12.69 4.65 -12.38
C ASP B 174 -11.80 5.42 -13.34
N SER B 175 -11.18 4.70 -14.26
CA SER B 175 -10.25 5.28 -15.22
CA SER B 175 -10.23 5.29 -15.20
C SER B 175 -10.88 6.33 -16.11
N GLN B 176 -12.21 6.32 -16.19
CA GLN B 176 -12.94 7.27 -17.02
C GLN B 176 -13.70 8.33 -16.21
N GLY B 177 -13.36 8.45 -14.94
CA GLY B 177 -13.95 9.47 -14.08
C GLY B 177 -15.31 9.10 -13.52
N ASN B 178 -15.72 7.84 -13.68
CA ASN B 178 -17.03 7.40 -13.18
C ASN B 178 -16.98 7.03 -11.71
N THR B 179 -17.77 7.71 -10.91
CA THR B 179 -17.93 7.38 -9.50
C THR B 179 -18.85 6.18 -9.36
N VAL B 180 -19.03 5.71 -8.13
CA VAL B 180 -19.98 4.63 -7.88
C VAL B 180 -21.39 5.00 -8.37
N LEU B 181 -21.73 6.28 -8.30
CA LEU B 181 -23.05 6.71 -8.77
C LEU B 181 -23.18 6.55 -10.29
N HIS B 182 -22.14 6.96 -11.03
CA HIS B 182 -22.09 6.73 -12.48
C HIS B 182 -22.16 5.23 -12.75
N ALA B 183 -21.44 4.43 -11.96
CA ALA B 183 -21.43 2.99 -12.19
C ALA B 183 -22.82 2.39 -12.01
N LEU B 184 -23.53 2.85 -10.98
CA LEU B 184 -24.91 2.40 -10.74
C LEU B 184 -25.82 2.80 -11.89
N VAL B 185 -25.62 4.00 -12.43
CA VAL B 185 -26.36 4.39 -13.65
C VAL B 185 -26.10 3.39 -14.77
N MSE B 186 -24.83 3.03 -14.95
CA MSE B 186 -24.45 2.15 -16.05
C MSE B 186 -24.99 0.73 -15.93
O MSE B 186 -25.36 0.11 -16.94
CB MSE B 186 -22.94 2.14 -16.23
CG MSE B 186 -22.38 3.44 -16.72
SE MSE B 186 -23.39 4.11 -18.28
CE MSE B 186 -22.60 3.02 -19.65
N ILE B 187 -25.08 0.22 -14.70
CA ILE B 187 -25.57 -1.14 -14.50
C ILE B 187 -27.09 -1.20 -14.41
N SER B 188 -27.73 -0.04 -14.37
CA SER B 188 -29.18 -0.01 -14.23
C SER B 188 -29.81 -0.36 -15.57
N ASP B 189 -31.10 -0.66 -15.54
CA ASP B 189 -31.84 -0.84 -16.78
C ASP B 189 -33.24 -0.27 -16.58
N ASN B 190 -34.16 -0.60 -17.46
CA ASN B 190 -35.42 0.08 -17.45
C ASN B 190 -36.53 -0.87 -17.04
N SER B 191 -36.13 -1.99 -16.47
CA SER B 191 -37.04 -2.97 -15.91
C SER B 191 -37.48 -2.59 -14.50
N ALA B 192 -38.77 -2.68 -14.25
CA ALA B 192 -39.31 -2.27 -12.97
C ALA B 192 -38.80 -3.18 -11.87
N GLU B 193 -38.67 -4.46 -12.19
CA GLU B 193 -38.16 -5.41 -11.23
C GLU B 193 -36.88 -4.92 -10.60
N ASN B 194 -36.03 -4.31 -11.40
CA ASN B 194 -34.64 -4.14 -11.06
C ASN B 194 -34.28 -2.88 -10.30
N ILE B 195 -35.12 -1.85 -10.38
CA ILE B 195 -34.66 -0.49 -10.19
C ILE B 195 -34.67 -0.11 -8.72
N ALA B 196 -35.55 -0.73 -7.98
CA ALA B 196 -35.71 -0.49 -6.56
C ALA B 196 -34.41 -0.83 -5.84
N LEU B 197 -33.77 -1.93 -6.22
CA LEU B 197 -32.51 -2.31 -5.59
C LEU B 197 -31.36 -1.40 -5.98
N VAL B 198 -31.34 -0.94 -7.23
CA VAL B 198 -30.31 0.01 -7.66
C VAL B 198 -30.54 1.34 -6.96
N THR B 199 -31.79 1.74 -6.91
CA THR B 199 -32.22 2.94 -6.24
C THR B 199 -31.95 2.96 -4.73
N SER B 200 -32.16 1.84 -4.09
CA SER B 200 -31.88 1.69 -2.67
CA SER B 200 -31.88 1.70 -2.66
C SER B 200 -30.38 1.87 -2.39
N MSE B 201 -29.55 1.25 -3.22
CA MSE B 201 -28.10 1.35 -3.06
C MSE B 201 -27.63 2.79 -3.29
O MSE B 201 -26.85 3.35 -2.51
CB MSE B 201 -27.40 0.39 -4.04
CG MSE B 201 -25.88 0.48 -4.02
SE MSE B 201 -25.17 -0.05 -2.29
CE MSE B 201 -25.48 -1.91 -2.38
N TYR B 202 -28.13 3.39 -4.38
CA TYR B 202 -27.84 4.76 -4.74
C TYR B 202 -28.15 5.71 -3.57
N ASP B 203 -29.36 5.60 -3.03
CA ASP B 203 -29.76 6.43 -1.89
C ASP B 203 -28.92 6.16 -0.65
N GLY B 204 -28.59 4.89 -0.41
CA GLY B 204 -27.75 4.51 0.73
C GLY B 204 -26.40 5.19 0.67
N LEU B 205 -25.83 5.21 -0.53
CA LEU B 205 -24.54 5.86 -0.76
C LEU B 205 -24.63 7.35 -0.56
N LEU B 206 -25.70 7.97 -1.06
CA LEU B 206 -25.87 9.41 -0.87
C LEU B 206 -26.00 9.77 0.61
N GLN B 207 -26.77 8.97 1.33
CA GLN B 207 -26.96 9.15 2.77
C GLN B 207 -25.62 9.03 3.50
N ALA B 208 -24.82 8.03 3.11
CA ALA B 208 -23.49 7.85 3.68
C ALA B 208 -22.62 9.08 3.43
N GLY B 209 -22.71 9.61 2.21
CA GLY B 209 -21.94 10.79 1.80
C GLY B 209 -22.30 12.02 2.60
N ALA B 210 -23.58 12.16 2.95
CA ALA B 210 -24.03 13.29 3.76
C ALA B 210 -23.28 13.32 5.08
N ARG B 211 -22.79 12.17 5.50
CA ARG B 211 -22.08 11.99 6.74
C ARG B 211 -20.55 11.97 6.55
N LEU B 212 -20.10 11.26 5.51
CA LEU B 212 -18.67 11.01 5.28
C LEU B 212 -17.97 12.08 4.47
N CYS B 213 -18.71 12.74 3.59
CA CYS B 213 -18.17 13.86 2.81
C CYS B 213 -19.25 14.94 2.67
N PRO B 214 -19.61 15.55 3.81
CA PRO B 214 -20.78 16.41 3.88
C PRO B 214 -20.74 17.62 2.96
N THR B 215 -19.56 18.11 2.61
CA THR B 215 -19.47 19.31 1.76
C THR B 215 -19.45 18.99 0.27
N VAL B 216 -19.50 17.70 -0.08
CA VAL B 216 -19.38 17.28 -1.47
C VAL B 216 -20.75 16.90 -2.03
N GLN B 217 -21.11 17.50 -3.16
CA GLN B 217 -22.32 17.15 -3.88
C GLN B 217 -21.94 16.03 -4.83
N LEU B 218 -22.11 14.79 -4.38
CA LEU B 218 -21.69 13.63 -5.17
C LEU B 218 -22.36 13.58 -6.54
N GLU B 219 -23.61 14.03 -6.61
CA GLU B 219 -24.36 13.98 -7.85
C GLU B 219 -23.92 15.02 -8.88
N ASP B 220 -23.05 15.94 -8.44
CA ASP B 220 -22.49 16.96 -9.31
C ASP B 220 -21.13 16.57 -9.87
N ILE B 221 -20.58 15.44 -9.43
CA ILE B 221 -19.27 14.99 -9.94
C ILE B 221 -19.44 14.53 -11.39
N ARG B 222 -18.64 15.12 -12.28
CA ARG B 222 -18.69 14.78 -13.70
C ARG B 222 -17.60 13.79 -14.06
N ASN B 223 -17.91 12.85 -14.94
CA ASN B 223 -16.89 11.94 -15.44
C ASN B 223 -16.03 12.64 -16.50
N LEU B 224 -15.12 11.91 -17.14
CA LEU B 224 -14.19 12.52 -18.09
C LEU B 224 -14.86 13.02 -19.36
N GLN B 225 -16.10 12.60 -19.58
CA GLN B 225 -16.89 13.06 -20.71
C GLN B 225 -17.82 14.19 -20.25
N ASP B 226 -17.54 14.73 -19.06
CA ASP B 226 -18.18 15.92 -18.52
C ASP B 226 -19.63 15.64 -18.07
N LEU B 227 -19.92 14.37 -17.79
CA LEU B 227 -21.28 13.95 -17.45
C LEU B 227 -21.44 13.61 -15.99
N THR B 228 -22.41 14.28 -15.37
CA THR B 228 -22.95 13.88 -14.07
C THR B 228 -23.71 12.60 -14.19
N PRO B 229 -23.98 11.99 -13.05
CA PRO B 229 -24.82 10.77 -13.12
C PRO B 229 -26.17 10.99 -13.82
N LEU B 230 -26.82 12.13 -13.57
CA LEU B 230 -28.05 12.45 -14.27
C LEU B 230 -27.86 12.50 -15.78
N LYS B 231 -26.85 13.24 -16.22
CA LYS B 231 -26.63 13.43 -17.66
C LYS B 231 -26.14 12.15 -18.31
N LEU B 232 -25.41 11.35 -17.56
CA LEU B 232 -25.01 10.02 -18.00
C LEU B 232 -26.22 9.13 -18.24
N ALA B 233 -27.12 9.13 -17.29
CA ALA B 233 -28.36 8.35 -17.41
C ALA B 233 -29.10 8.76 -18.67
N ALA B 234 -29.20 10.06 -18.90
CA ALA B 234 -29.90 10.56 -20.07
C ALA B 234 -29.22 10.06 -21.35
N LYS B 235 -27.90 10.24 -21.40
CA LYS B 235 -27.14 9.88 -22.59
C LYS B 235 -27.30 8.40 -22.89
N GLU B 236 -27.25 7.58 -21.84
CA GLU B 236 -27.17 6.14 -22.02
C GLU B 236 -28.53 5.42 -22.00
N GLY B 237 -29.60 6.20 -22.04
CA GLY B 237 -30.96 5.66 -22.09
C GLY B 237 -31.37 4.94 -20.82
N LYS B 238 -30.76 5.32 -19.70
CA LYS B 238 -31.09 4.75 -18.41
C LYS B 238 -32.23 5.60 -17.84
N ILE B 239 -33.39 5.47 -18.45
CA ILE B 239 -34.51 6.39 -18.19
C ILE B 239 -35.12 6.19 -16.80
N GLU B 240 -35.18 4.94 -16.33
CA GLU B 240 -35.70 4.69 -14.98
C GLU B 240 -34.87 5.36 -13.90
N ILE B 241 -33.56 5.15 -13.93
CA ILE B 241 -32.72 5.80 -12.93
C ILE B 241 -32.66 7.32 -13.16
N PHE B 242 -32.75 7.76 -14.42
CA PHE B 242 -32.82 9.19 -14.73
C PHE B 242 -33.97 9.85 -13.97
N ARG B 243 -35.14 9.22 -14.01
CA ARG B 243 -36.31 9.77 -13.34
C ARG B 243 -36.14 9.84 -11.84
N HIS B 244 -35.48 8.84 -11.26
CA HIS B 244 -35.21 8.84 -9.82
CA HIS B 244 -35.15 8.78 -9.82
C HIS B 244 -34.21 9.92 -9.43
N ILE B 245 -33.17 10.11 -10.23
CA ILE B 245 -32.19 11.17 -9.96
C ILE B 245 -32.81 12.54 -10.17
N LEU B 246 -33.57 12.70 -11.25
CA LEU B 246 -34.24 13.95 -11.57
C LEU B 246 -35.17 14.36 -10.43
N GLN B 247 -35.88 13.39 -9.88
CA GLN B 247 -36.85 13.64 -8.83
C GLN B 247 -36.16 14.20 -7.58
N ARG B 248 -35.02 13.62 -7.22
CA ARG B 248 -34.30 14.06 -6.03
C ARG B 248 -33.68 15.46 -6.19
N GLU B 249 -33.43 15.88 -7.44
CA GLU B 249 -32.93 17.24 -7.70
C GLU B 249 -34.02 18.27 -7.42
N PHE B 250 -35.13 17.81 -6.83
CA PHE B 250 -36.28 18.64 -6.51
C PHE B 250 -36.79 18.35 -5.10
S SO4 C . 9.66 19.86 -13.99
O1 SO4 C . 10.09 19.79 -12.60
O2 SO4 C . 9.25 21.22 -14.29
O3 SO4 C . 10.78 19.47 -14.85
O4 SO4 C . 8.56 18.95 -14.22
S SO4 D . -18.99 -14.04 5.01
O1 SO4 D . -20.16 -14.38 5.82
O2 SO4 D . -18.06 -13.26 5.81
O3 SO4 D . -18.34 -15.26 4.53
O4 SO4 D . -19.42 -13.24 3.85
#